data_7FE6
#
_entry.id   7FE6
#
_cell.length_a   73.450
_cell.length_b   73.450
_cell.length_c   242.400
_cell.angle_alpha   90.000
_cell.angle_beta   90.000
_cell.angle_gamma   90.000
#
_symmetry.space_group_name_H-M   'P 41 21 2'
#
loop_
_entity.id
_entity.type
_entity.pdbx_description
1 polymer AvmM
2 non-polymer 'CHLORIDE ION'
3 non-polymer 'Alchivemycin A'
4 water water
#
_entity_poly.entity_id   1
_entity_poly.type   'polypeptide(L)'
_entity_poly.pdbx_seq_one_letter_code
;MTSTVSTDGPVYREYKGFRVNDNIVADFIGVPAVITPGETIEFSVFYTNRGRYAYPDTGLNLVIWFSDRDDLRREDFKLF
YKVSRADWQEQDPAKCWDPQFPAEGGVHIACQLSGPDGGILSKPDGTVPLPEVESVTAHVRLAFREGITSEHAGIFALPG
MLDAPGDKSIIPGLFGNVFGRLQQASFRLGEGPSSLY
;
_entity_poly.pdbx_strand_id   A,B,C
#
# COMPACT_ATOMS: atom_id res chain seq x y z
N GLY A 9 -13.25 25.77 7.01
CA GLY A 9 -13.19 25.02 5.77
C GLY A 9 -11.88 24.28 5.63
N PRO A 10 -11.78 23.37 4.66
CA PRO A 10 -10.53 22.64 4.45
C PRO A 10 -9.52 23.47 3.68
N VAL A 11 -8.27 23.04 3.77
CA VAL A 11 -7.16 23.75 3.15
C VAL A 11 -6.78 23.05 1.85
N TYR A 12 -6.58 23.83 0.79
CA TYR A 12 -6.17 23.29 -0.50
C TYR A 12 -4.77 23.75 -0.84
N ARG A 13 -4.08 22.97 -1.67
CA ARG A 13 -2.84 23.37 -2.29
C ARG A 13 -3.08 23.61 -3.77
N GLU A 14 -2.29 24.48 -4.36
CA GLU A 14 -2.44 24.78 -5.77
C GLU A 14 -1.37 24.02 -6.55
N TYR A 15 -1.82 23.11 -7.40
CA TYR A 15 -0.96 22.39 -8.35
C TYR A 15 -1.59 22.56 -9.71
N LYS A 16 -0.83 23.09 -10.67
CA LYS A 16 -1.38 23.61 -11.92
C LYS A 16 -2.36 24.69 -11.48
N GLY A 17 -3.59 24.70 -11.96
CA GLY A 17 -4.59 25.62 -11.46
C GLY A 17 -5.57 25.01 -10.48
N PHE A 18 -5.32 23.79 -10.02
CA PHE A 18 -6.33 22.99 -9.33
C PHE A 18 -6.12 23.01 -7.84
N ARG A 19 -7.21 22.85 -7.11
CA ARG A 19 -7.17 22.80 -5.66
C ARG A 19 -7.14 21.34 -5.22
N VAL A 20 -6.25 21.04 -4.29
CA VAL A 20 -5.98 19.67 -3.91
C VAL A 20 -6.02 19.57 -2.39
N ASN A 21 -6.88 18.71 -1.88
CA ASN A 21 -6.94 18.36 -0.47
C ASN A 21 -6.29 17.01 -0.29
N ASP A 22 -5.05 17.01 0.23
CA ASP A 22 -4.27 15.81 0.57
C ASP A 22 -4.89 14.95 1.66
N ASN A 23 -5.86 15.46 2.40
CA ASN A 23 -6.49 14.63 3.42
C ASN A 23 -7.35 13.54 2.82
N ILE A 24 -7.72 13.66 1.54
CA ILE A 24 -8.50 12.66 0.82
C ILE A 24 -7.48 11.83 0.04
N VAL A 25 -7.12 10.67 0.58
CA VAL A 25 -6.06 9.83 0.04
C VAL A 25 -6.70 8.61 -0.67
N ALA A 26 -5.88 7.84 -1.37
CA ALA A 26 -6.36 6.63 -2.04
C ALA A 26 -5.37 5.47 -1.88
N ASP A 27 -5.90 4.25 -1.82
CA ASP A 27 -5.08 3.05 -1.69
C ASP A 27 -5.47 2.00 -2.74
N PHE A 28 -4.46 1.26 -3.21
CA PHE A 28 -4.64 0.15 -4.13
C PHE A 28 -4.47 -1.19 -3.41
N ILE A 29 -5.25 -2.18 -3.83
CA ILE A 29 -5.09 -3.56 -3.37
C ILE A 29 -5.10 -4.46 -4.59
N GLY A 30 -4.07 -5.31 -4.73
CA GLY A 30 -4.10 -6.36 -5.72
C GLY A 30 -3.72 -5.96 -7.13
N VAL A 31 -3.13 -4.79 -7.31
CA VAL A 31 -2.58 -4.38 -8.60
C VAL A 31 -1.30 -5.18 -8.88
N PRO A 32 -1.23 -5.96 -9.96
CA PRO A 32 0.02 -6.66 -10.25
C PRO A 32 1.05 -5.70 -10.83
N ALA A 33 2.32 -6.02 -10.57
CA ALA A 33 3.43 -5.24 -11.11
C ALA A 33 3.68 -5.55 -12.59
N VAL A 34 3.19 -6.68 -13.09
CA VAL A 34 3.22 -6.99 -14.51
C VAL A 34 1.82 -7.46 -14.91
N ILE A 35 1.28 -6.84 -15.96
CA ILE A 35 -0.02 -7.19 -16.51
C ILE A 35 0.19 -7.85 -17.87
N THR A 36 -0.42 -9.01 -18.06
CA THR A 36 -0.29 -9.69 -19.34
C THR A 36 -1.26 -9.10 -20.35
N PRO A 37 -0.79 -8.72 -21.54
CA PRO A 37 -1.72 -8.25 -22.57
C PRO A 37 -2.83 -9.25 -22.84
N GLY A 38 -4.04 -8.73 -23.00
CA GLY A 38 -5.20 -9.53 -23.32
C GLY A 38 -5.88 -10.13 -22.13
N GLU A 39 -5.19 -10.18 -20.98
CA GLU A 39 -5.64 -10.83 -19.77
C GLU A 39 -6.43 -9.85 -18.93
N THR A 40 -7.43 -10.37 -18.20
CA THR A 40 -8.25 -9.55 -17.30
C THR A 40 -7.77 -9.69 -15.86
N ILE A 41 -7.51 -8.56 -15.22
CA ILE A 41 -7.19 -8.53 -13.80
C ILE A 41 -8.30 -7.78 -13.08
N GLU A 42 -8.49 -8.12 -11.81
CA GLU A 42 -9.37 -7.40 -10.91
C GLU A 42 -8.52 -6.89 -9.76
N PHE A 43 -8.67 -5.62 -9.42
CA PHE A 43 -8.06 -5.03 -8.24
C PHE A 43 -9.10 -4.14 -7.57
N SER A 44 -8.75 -3.61 -6.41
CA SER A 44 -9.63 -2.68 -5.73
C SER A 44 -8.85 -1.41 -5.43
N VAL A 45 -9.58 -0.32 -5.34
CA VAL A 45 -9.01 0.98 -5.02
C VAL A 45 -10.08 1.72 -4.22
N PHE A 46 -9.65 2.48 -3.22
CA PHE A 46 -10.62 3.10 -2.34
C PHE A 46 -10.05 4.43 -1.87
N TYR A 47 -10.92 5.43 -1.71
CA TYR A 47 -10.48 6.71 -1.20
C TYR A 47 -11.08 6.96 0.18
N THR A 48 -10.27 7.53 1.07
CA THR A 48 -10.58 7.63 2.49
C THR A 48 -10.41 9.07 2.96
N ASN A 49 -11.37 9.56 3.74
CA ASN A 49 -11.25 10.90 4.30
C ASN A 49 -10.39 10.81 5.55
N ARG A 50 -9.10 11.14 5.40
CA ARG A 50 -8.18 11.25 6.51
C ARG A 50 -8.21 12.61 7.18
N GLY A 51 -9.01 13.54 6.67
CA GLY A 51 -9.18 14.85 7.28
C GLY A 51 -10.43 14.89 8.14
N ARG A 52 -10.87 16.11 8.44
CA ARG A 52 -12.07 16.29 9.24
C ARG A 52 -13.22 16.98 8.52
N TYR A 53 -13.00 17.56 7.33
CA TYR A 53 -14.07 18.21 6.58
C TYR A 53 -14.85 17.18 5.76
N ALA A 54 -16.17 17.10 6.00
CA ALA A 54 -17.05 16.19 5.26
C ALA A 54 -17.37 16.78 3.90
N TYR A 55 -17.06 16.03 2.83
CA TYR A 55 -17.35 16.49 1.46
C TYR A 55 -18.74 16.08 1.03
N PRO A 56 -19.49 16.99 0.39
CA PRO A 56 -20.90 16.70 0.08
C PRO A 56 -21.09 15.70 -1.04
N ASP A 57 -20.13 15.58 -1.95
CA ASP A 57 -20.26 14.63 -3.04
C ASP A 57 -18.86 14.27 -3.52
N THR A 58 -18.64 12.99 -3.78
CA THR A 58 -17.31 12.53 -4.16
C THR A 58 -17.43 11.40 -5.17
N GLY A 59 -16.40 11.28 -6.00
CA GLY A 59 -16.26 10.15 -6.90
C GLY A 59 -14.81 9.93 -7.27
N LEU A 60 -14.49 8.70 -7.65
CA LEU A 60 -13.13 8.32 -7.99
C LEU A 60 -12.83 8.54 -9.46
N ASN A 61 -11.63 9.05 -9.73
CA ASN A 61 -11.05 9.06 -11.07
C ASN A 61 -9.83 8.14 -11.07
N LEU A 62 -9.61 7.49 -12.23
CA LEU A 62 -8.51 6.55 -12.45
C LEU A 62 -7.79 6.97 -13.72
N VAL A 63 -6.47 7.09 -13.66
CA VAL A 63 -5.69 7.54 -14.81
C VAL A 63 -4.76 6.41 -15.24
N ILE A 64 -4.80 6.06 -16.52
CA ILE A 64 -3.88 5.09 -17.09
C ILE A 64 -2.89 5.85 -17.95
N TRP A 65 -1.60 5.60 -17.71
CA TRP A 65 -0.51 6.38 -18.28
C TRP A 65 0.54 5.44 -18.86
N PHE A 66 0.94 5.69 -20.09
CA PHE A 66 2.10 5.03 -20.70
C PHE A 66 3.21 6.05 -20.85
N SER A 67 4.37 5.77 -20.27
CA SER A 67 5.47 6.70 -20.33
C SER A 67 6.27 6.59 -21.63
N ASP A 68 6.08 5.49 -22.39
CA ASP A 68 6.99 5.13 -23.49
C ASP A 68 6.26 4.99 -24.81
N ARG A 69 5.08 5.58 -24.95
CA ARG A 69 4.35 5.64 -26.20
C ARG A 69 3.15 6.55 -26.01
N ASP A 70 2.69 7.15 -27.11
CA ASP A 70 1.59 8.10 -26.99
C ASP A 70 0.36 7.71 -27.81
N ASP A 71 0.29 6.45 -28.27
CA ASP A 71 -0.83 5.99 -29.08
C ASP A 71 -1.95 5.35 -28.27
N LEU A 72 -1.79 5.14 -26.96
CA LEU A 72 -2.87 4.56 -26.16
C LEU A 72 -4.12 5.44 -26.18
N ARG A 73 -5.28 4.82 -26.35
CA ARG A 73 -6.57 5.49 -26.25
C ARG A 73 -7.49 4.73 -25.31
N ARG A 74 -8.62 5.35 -24.94
CA ARG A 74 -9.59 4.70 -24.06
C ARG A 74 -10.04 3.35 -24.63
N GLU A 75 -10.18 3.29 -25.96
CA GLU A 75 -10.63 2.12 -26.71
C GLU A 75 -9.68 0.92 -26.62
N ASP A 76 -8.41 1.12 -26.26
CA ASP A 76 -7.44 0.03 -26.30
C ASP A 76 -7.52 -0.89 -25.08
N PHE A 77 -8.42 -0.58 -24.16
CA PHE A 77 -8.61 -1.41 -22.98
C PHE A 77 -10.09 -1.48 -22.61
N LYS A 78 -10.42 -2.50 -21.86
CA LYS A 78 -11.75 -2.66 -21.31
C LYS A 78 -11.70 -2.40 -19.81
N LEU A 79 -12.71 -1.70 -19.32
CA LEU A 79 -12.70 -1.19 -17.94
C LEU A 79 -14.10 -1.33 -17.36
N PHE A 80 -14.22 -2.13 -16.29
CA PHE A 80 -15.46 -2.25 -15.54
C PHE A 80 -15.20 -1.93 -14.08
N TYR A 81 -16.22 -1.42 -13.39
CA TYR A 81 -16.04 -1.12 -11.99
C TYR A 81 -17.35 -1.26 -11.26
N LYS A 82 -17.23 -1.26 -9.94
CA LYS A 82 -18.36 -1.45 -9.04
C LYS A 82 -18.03 -0.66 -7.79
N VAL A 83 -18.90 0.28 -7.42
CA VAL A 83 -18.66 1.17 -6.28
C VAL A 83 -19.21 0.49 -5.03
N SER A 84 -18.29 -0.01 -4.19
CA SER A 84 -18.66 -0.70 -2.96
C SER A 84 -19.68 -1.81 -3.22
N ARG A 85 -20.85 -1.73 -2.59
CA ARG A 85 -21.84 -2.79 -2.74
C ARG A 85 -22.86 -2.55 -3.88
N ALA A 86 -22.71 -1.51 -4.69
CA ALA A 86 -23.53 -1.39 -5.88
C ALA A 86 -23.10 -2.43 -6.92
N ASP A 87 -23.78 -2.43 -8.05
CA ASP A 87 -23.58 -3.42 -9.10
C ASP A 87 -22.44 -3.05 -10.06
N TRP A 88 -21.91 -4.07 -10.74
CA TRP A 88 -20.89 -3.84 -11.76
C TRP A 88 -21.45 -2.97 -12.87
N GLN A 89 -20.58 -2.19 -13.50
CA GLN A 89 -20.95 -1.45 -14.71
C GLN A 89 -19.70 -1.26 -15.55
N GLU A 90 -19.94 -1.03 -16.83
CA GLU A 90 -18.84 -0.70 -17.73
C GLU A 90 -18.55 0.79 -17.62
N GLN A 91 -17.27 1.13 -17.47
CA GLN A 91 -16.91 2.54 -17.42
C GLN A 91 -17.30 3.21 -18.75
N ASP A 92 -17.79 4.44 -18.64
CA ASP A 92 -18.36 5.18 -19.77
C ASP A 92 -17.26 5.93 -20.52
N PRO A 93 -17.00 5.60 -21.80
CA PRO A 93 -15.93 6.33 -22.52
C PRO A 93 -16.18 7.83 -22.56
N ALA A 94 -17.45 8.25 -22.60
CA ALA A 94 -17.83 9.65 -22.55
C ALA A 94 -17.55 10.30 -21.19
N LYS A 95 -17.43 9.51 -20.13
CA LYS A 95 -17.00 10.04 -18.83
C LYS A 95 -15.50 9.81 -18.64
N CYS A 96 -14.75 10.19 -19.68
CA CYS A 96 -13.31 10.18 -19.67
C CYS A 96 -12.82 11.54 -20.13
N TRP A 97 -11.64 11.91 -19.68
CA TRP A 97 -10.93 13.05 -20.23
C TRP A 97 -10.31 12.65 -21.56
N ASP A 98 -10.09 13.63 -22.42
CA ASP A 98 -9.40 13.40 -23.67
C ASP A 98 -7.94 13.06 -23.40
N PRO A 99 -7.29 12.30 -24.32
CA PRO A 99 -5.87 11.98 -24.16
C PRO A 99 -5.03 13.17 -23.74
N GLN A 100 -4.12 12.96 -22.79
CA GLN A 100 -3.20 13.99 -22.34
C GLN A 100 -1.78 13.51 -22.63
N PHE A 101 -0.92 14.43 -23.05
CA PHE A 101 0.41 14.09 -23.53
C PHE A 101 1.40 14.89 -22.70
N PRO A 102 1.89 14.33 -21.60
CA PRO A 102 2.83 15.05 -20.75
C PRO A 102 4.11 15.39 -21.50
N ALA A 103 4.73 16.49 -21.10
CA ALA A 103 5.99 16.87 -21.73
C ALA A 103 7.09 15.85 -21.42
N GLU A 104 6.97 15.14 -20.30
CA GLU A 104 7.92 14.09 -19.93
C GLU A 104 7.67 12.79 -20.69
N GLY A 105 6.78 12.82 -21.67
CA GLY A 105 6.53 11.78 -22.65
C GLY A 105 5.27 10.99 -22.37
N GLY A 106 4.82 10.26 -23.39
CA GLY A 106 3.71 9.36 -23.19
C GLY A 106 2.33 9.96 -23.48
N VAL A 107 1.35 9.26 -22.93
CA VAL A 107 -0.06 9.64 -22.99
C VAL A 107 -0.72 9.09 -21.74
N HIS A 108 -1.77 9.76 -21.26
CA HIS A 108 -2.57 9.18 -20.19
C HIS A 108 -4.05 9.41 -20.46
N ILE A 109 -4.85 8.45 -20.02
CA ILE A 109 -6.29 8.45 -20.27
C ILE A 109 -6.96 8.51 -18.89
N ALA A 110 -7.59 9.65 -18.58
CA ALA A 110 -8.26 9.83 -17.29
C ALA A 110 -9.71 9.36 -17.39
N CYS A 111 -10.11 8.47 -16.48
CA CYS A 111 -11.41 7.83 -16.48
C CYS A 111 -12.17 8.08 -15.19
N GLN A 112 -13.43 8.44 -15.33
CA GLN A 112 -14.30 8.63 -14.17
C GLN A 112 -14.93 7.30 -13.75
N LEU A 113 -14.76 6.95 -12.47
CA LEU A 113 -15.36 5.77 -11.85
C LEU A 113 -16.24 6.19 -10.67
N SER A 114 -17.21 7.09 -10.91
CA SER A 114 -18.01 7.66 -9.83
C SER A 114 -19.33 6.90 -9.74
N GLY A 115 -20.13 7.25 -8.74
CA GLY A 115 -21.47 6.72 -8.64
C GLY A 115 -21.83 6.30 -7.23
N PRO A 116 -23.12 6.03 -7.01
CA PRO A 116 -23.58 5.58 -5.69
C PRO A 116 -22.91 4.27 -5.29
N ASP A 117 -22.75 4.10 -3.98
CA ASP A 117 -21.97 3.02 -3.40
C ASP A 117 -22.84 1.90 -2.85
N GLY A 118 -24.11 1.88 -3.21
CA GLY A 118 -25.02 0.89 -2.66
C GLY A 118 -25.66 1.28 -1.35
N GLY A 119 -25.75 2.57 -1.04
CA GLY A 119 -26.42 2.95 0.18
C GLY A 119 -25.60 2.82 1.45
N ILE A 120 -24.29 2.74 1.34
CA ILE A 120 -23.46 2.79 2.54
C ILE A 120 -23.36 4.26 2.97
N LEU A 121 -22.62 5.07 2.21
CA LEU A 121 -22.58 6.52 2.39
C LEU A 121 -23.55 7.25 1.48
N SER A 122 -23.92 6.65 0.35
CA SER A 122 -24.70 7.36 -0.64
C SER A 122 -26.11 7.61 -0.14
N LYS A 123 -26.71 8.65 -0.69
CA LYS A 123 -28.00 9.19 -0.34
C LYS A 123 -28.97 8.96 -1.49
N PRO A 124 -30.27 9.03 -1.22
CA PRO A 124 -31.25 8.76 -2.30
C PRO A 124 -31.14 9.66 -3.51
N ASP A 125 -30.62 10.89 -3.36
CA ASP A 125 -30.40 11.79 -4.50
C ASP A 125 -29.18 11.43 -5.35
N GLY A 126 -28.47 10.36 -5.04
CA GLY A 126 -27.35 9.93 -5.83
C GLY A 126 -26.00 10.38 -5.29
N THR A 127 -25.99 11.35 -4.38
CA THR A 127 -24.74 11.86 -3.87
C THR A 127 -24.02 10.84 -3.01
N VAL A 128 -22.69 10.92 -3.01
CA VAL A 128 -21.84 10.09 -2.17
C VAL A 128 -21.07 11.02 -1.22
N PRO A 129 -21.68 11.49 -0.13
CA PRO A 129 -20.95 12.34 0.82
C PRO A 129 -19.85 11.51 1.45
N LEU A 130 -18.75 12.16 1.86
CA LEU A 130 -17.58 11.46 2.42
C LEU A 130 -17.21 12.00 3.80
N PRO A 131 -17.80 11.46 4.87
CA PRO A 131 -17.46 11.92 6.22
C PRO A 131 -16.07 11.45 6.63
N GLU A 132 -15.56 12.06 7.71
CA GLU A 132 -14.22 11.75 8.17
C GLU A 132 -14.13 10.28 8.50
N VAL A 133 -13.00 9.67 8.15
CA VAL A 133 -12.70 8.28 8.46
C VAL A 133 -13.45 7.35 7.51
N GLU A 134 -14.43 7.88 6.77
CA GLU A 134 -15.15 7.00 5.87
C GLU A 134 -14.39 6.79 4.56
N SER A 135 -14.83 5.80 3.80
CA SER A 135 -14.12 5.46 2.57
C SER A 135 -15.10 4.90 1.55
N VAL A 136 -14.73 5.05 0.27
CA VAL A 136 -15.49 4.54 -0.88
C VAL A 136 -14.55 3.66 -1.70
N THR A 137 -15.04 2.50 -2.12
CA THR A 137 -14.23 1.54 -2.86
C THR A 137 -14.77 1.38 -4.26
N ALA A 138 -13.87 1.30 -5.24
CA ALA A 138 -14.18 0.78 -6.56
C ALA A 138 -13.48 -0.56 -6.69
N HIS A 139 -14.24 -1.60 -6.99
CA HIS A 139 -13.65 -2.83 -7.48
C HIS A 139 -13.51 -2.69 -9.00
N VAL A 140 -12.34 -3.01 -9.55
CA VAL A 140 -12.04 -2.64 -10.94
C VAL A 140 -11.57 -3.86 -11.72
N ARG A 141 -12.18 -4.10 -12.88
CA ARG A 141 -11.74 -5.14 -13.79
C ARG A 141 -11.17 -4.50 -15.04
N LEU A 142 -9.92 -4.86 -15.37
CA LEU A 142 -9.14 -4.17 -16.37
C LEU A 142 -8.46 -5.19 -17.26
N ALA A 143 -8.48 -4.90 -18.57
CA ALA A 143 -7.83 -5.73 -19.57
C ALA A 143 -7.37 -4.83 -20.70
N PHE A 144 -6.10 -4.94 -21.07
CA PHE A 144 -5.62 -4.28 -22.27
C PHE A 144 -5.71 -5.24 -23.44
N ARG A 145 -5.98 -4.69 -24.62
CA ARG A 145 -6.07 -5.55 -25.78
C ARG A 145 -4.71 -6.20 -26.03
N GLU A 146 -4.75 -7.40 -26.60
CA GLU A 146 -3.53 -8.07 -27.01
C GLU A 146 -2.77 -7.20 -27.99
N GLY A 147 -1.45 -7.30 -27.98
CA GLY A 147 -0.67 -6.61 -28.96
C GLY A 147 -0.30 -5.18 -28.61
N ILE A 148 -0.63 -4.72 -27.40
CA ILE A 148 -0.15 -3.42 -26.94
C ILE A 148 0.66 -3.67 -25.67
N THR A 149 1.83 -3.03 -25.59
CA THR A 149 2.76 -3.24 -24.49
C THR A 149 3.28 -1.91 -23.96
N SER A 150 3.86 -1.97 -22.76
CA SER A 150 4.51 -0.79 -22.20
C SER A 150 5.51 -1.24 -21.14
N GLU A 151 6.67 -0.61 -21.13
CA GLU A 151 7.72 -0.97 -20.19
C GLU A 151 7.80 -0.06 -18.97
N HIS A 152 6.99 1.00 -18.93
CA HIS A 152 6.82 1.75 -17.69
C HIS A 152 5.51 2.52 -17.78
N ALA A 153 4.54 2.09 -16.98
CA ALA A 153 3.19 2.60 -17.01
C ALA A 153 2.71 2.73 -15.57
N GLY A 154 1.61 3.42 -15.39
CA GLY A 154 1.04 3.55 -14.06
C GLY A 154 -0.46 3.61 -14.13
N ILE A 155 -1.10 3.08 -13.09
CA ILE A 155 -2.48 3.43 -12.79
C ILE A 155 -2.45 4.42 -11.65
N PHE A 156 -3.19 5.51 -11.80
CA PHE A 156 -3.22 6.56 -10.79
C PHE A 156 -4.63 6.77 -10.28
N ALA A 157 -4.75 6.90 -8.96
CA ALA A 157 -6.03 7.16 -8.31
C ALA A 157 -6.11 8.65 -7.98
N LEU A 158 -7.15 9.31 -8.49
CA LEU A 158 -7.34 10.74 -8.28
C LEU A 158 -8.73 10.92 -7.70
N PRO A 159 -8.86 11.00 -6.37
CA PRO A 159 -10.18 11.25 -5.78
C PRO A 159 -10.69 12.63 -6.16
N GLY A 160 -11.94 12.68 -6.63
CA GLY A 160 -12.61 13.94 -6.94
C GLY A 160 -13.72 14.25 -5.96
N MET A 161 -13.76 15.51 -5.52
CA MET A 161 -14.84 15.95 -4.66
C MET A 161 -15.38 17.30 -5.13
N LEU A 162 -16.61 17.54 -4.73
CA LEU A 162 -17.30 18.81 -4.89
C LEU A 162 -17.17 19.52 -3.55
N ASP A 163 -16.42 20.62 -3.55
CA ASP A 163 -16.24 21.43 -2.34
C ASP A 163 -17.57 21.82 -1.71
N ALA A 164 -18.44 22.46 -2.48
CA ALA A 164 -19.71 22.94 -1.96
C ALA A 164 -20.86 22.21 -2.64
N PRO A 165 -21.96 21.97 -1.94
CA PRO A 165 -23.06 21.21 -2.54
C PRO A 165 -23.61 21.95 -3.75
N GLY A 166 -23.82 21.21 -4.82
CA GLY A 166 -24.25 21.84 -6.05
C GLY A 166 -23.13 22.42 -6.87
N ASP A 167 -21.88 22.25 -6.46
CA ASP A 167 -20.76 22.63 -7.30
C ASP A 167 -20.69 21.68 -8.49
N LYS A 168 -20.04 22.13 -9.55
CA LYS A 168 -20.02 21.39 -10.81
C LYS A 168 -18.60 20.90 -11.10
N SER A 169 -18.50 19.74 -11.74
CA SER A 169 -17.19 19.17 -12.03
C SER A 169 -16.45 20.10 -12.99
N ILE A 170 -15.12 20.17 -12.82
CA ILE A 170 -14.34 21.24 -13.44
C ILE A 170 -13.55 20.74 -14.65
N ILE A 171 -13.21 19.46 -14.67
CA ILE A 171 -12.50 18.84 -15.79
C ILE A 171 -13.53 18.03 -16.58
N PRO A 172 -13.67 18.25 -17.89
CA PRO A 172 -14.73 17.54 -18.63
C PRO A 172 -14.45 16.05 -18.65
N GLY A 173 -15.46 15.28 -18.27
CA GLY A 173 -15.37 13.84 -18.20
C GLY A 173 -15.06 13.30 -16.82
N LEU A 174 -14.43 14.09 -15.95
CA LEU A 174 -14.01 13.63 -14.64
C LEU A 174 -14.87 14.22 -13.52
N PHE A 175 -14.94 13.50 -12.40
CA PHE A 175 -15.75 13.92 -11.26
C PHE A 175 -14.95 14.86 -10.36
N GLY A 176 -15.55 16.02 -10.05
CA GLY A 176 -15.03 16.89 -9.01
C GLY A 176 -14.60 18.27 -9.47
N ASN A 177 -14.62 19.23 -8.55
CA ASN A 177 -14.01 20.53 -8.78
C ASN A 177 -12.76 20.75 -7.93
N VAL A 178 -12.62 20.03 -6.83
CA VAL A 178 -11.36 19.94 -6.11
C VAL A 178 -11.01 18.46 -5.98
N PHE A 179 -9.74 18.18 -5.66
CA PHE A 179 -9.23 16.82 -5.79
C PHE A 179 -8.42 16.39 -4.57
N GLY A 180 -8.21 15.08 -4.47
CA GLY A 180 -7.45 14.50 -3.40
C GLY A 180 -6.01 14.20 -3.80
N ARG A 181 -5.34 13.46 -2.93
CA ARG A 181 -3.93 13.12 -3.09
C ARG A 181 -3.78 12.01 -4.12
N LEU A 182 -2.97 12.23 -5.14
CA LEU A 182 -2.77 11.23 -6.17
C LEU A 182 -2.03 10.02 -5.61
N GLN A 183 -2.50 8.82 -5.94
CA GLN A 183 -1.83 7.57 -5.59
C GLN A 183 -1.47 6.79 -6.86
N GLN A 184 -0.29 6.19 -6.84
CA GLN A 184 0.32 5.59 -8.01
C GLN A 184 0.39 4.08 -7.82
N ALA A 185 0.28 3.37 -8.93
CA ALA A 185 0.66 1.96 -8.98
C ALA A 185 1.42 1.79 -10.29
N SER A 186 2.73 1.53 -10.19
CA SER A 186 3.56 1.34 -11.38
C SER A 186 3.57 -0.11 -11.81
N PHE A 187 3.57 -0.34 -13.10
CA PHE A 187 3.50 -1.70 -13.59
C PHE A 187 4.15 -1.74 -14.96
N ARG A 188 4.34 -2.94 -15.48
CA ARG A 188 4.65 -3.15 -16.89
C ARG A 188 3.49 -3.89 -17.53
N LEU A 189 3.25 -3.60 -18.80
CA LEU A 189 2.26 -4.33 -19.59
C LEU A 189 3.05 -5.17 -20.59
N GLY A 190 3.17 -6.46 -20.32
CA GLY A 190 4.00 -7.34 -21.14
C GLY A 190 4.29 -8.71 -20.53
N GLU A 191 5.50 -9.23 -20.78
CA GLU A 191 5.88 -10.56 -20.32
C GLU A 191 6.54 -10.49 -18.95
N GLY A 192 6.31 -11.54 -18.16
CA GLY A 192 6.85 -11.62 -16.83
C GLY A 192 8.33 -11.91 -16.80
N PRO A 193 8.92 -11.86 -15.60
CA PRO A 193 10.36 -12.06 -15.50
C PRO A 193 10.72 -13.48 -15.87
N SER A 194 11.77 -13.60 -16.67
CA SER A 194 12.42 -14.89 -16.83
C SER A 194 13.07 -15.28 -15.51
N SER A 195 13.29 -16.59 -15.34
CA SER A 195 13.95 -17.08 -14.15
C SER A 195 15.37 -16.55 -14.08
N LEU A 196 15.73 -15.97 -12.93
CA LEU A 196 17.09 -15.52 -12.71
C LEU A 196 18.02 -16.69 -12.42
N TYR A 197 17.47 -17.83 -12.01
CA TYR A 197 18.28 -19.01 -11.75
C TYR A 197 18.05 -20.05 -12.82
N GLY B 9 14.53 25.48 2.40
CA GLY B 9 14.54 24.03 2.37
C GLY B 9 13.81 23.41 3.55
N PRO B 10 13.57 22.10 3.48
CA PRO B 10 12.84 21.42 4.55
C PRO B 10 13.73 21.11 5.75
N VAL B 11 13.08 20.81 6.86
CA VAL B 11 13.73 20.46 8.11
C VAL B 11 13.62 18.94 8.27
N TYR B 12 14.67 18.34 8.82
CA TYR B 12 14.82 16.90 8.93
C TYR B 12 14.62 16.44 10.37
N ARG B 13 14.29 15.17 10.53
CA ARG B 13 14.22 14.52 11.83
C ARG B 13 15.38 13.55 11.99
N GLU B 14 15.76 13.29 13.24
CA GLU B 14 16.91 12.47 13.56
C GLU B 14 16.52 11.04 13.88
N TYR B 15 17.02 10.10 13.09
CA TYR B 15 16.94 8.68 13.37
C TYR B 15 18.34 8.10 13.27
N LYS B 16 18.82 7.53 14.38
CA LYS B 16 20.22 7.13 14.58
C LYS B 16 21.05 8.40 14.33
N GLY B 17 22.09 8.35 13.50
CA GLY B 17 22.86 9.52 13.17
C GLY B 17 22.45 10.21 11.89
N PHE B 18 21.32 9.83 11.30
CA PHE B 18 20.91 10.25 9.97
C PHE B 18 19.72 11.20 10.02
N ARG B 19 19.63 12.01 8.96
CA ARG B 19 18.54 12.94 8.75
C ARG B 19 17.49 12.33 7.82
N VAL B 20 16.23 12.51 8.16
CA VAL B 20 15.11 11.87 7.47
C VAL B 20 14.03 12.90 7.17
N ASN B 21 13.68 13.05 5.89
CA ASN B 21 12.56 13.87 5.45
C ASN B 21 11.38 12.94 5.14
N ASP B 22 10.41 12.90 6.05
CA ASP B 22 9.18 12.12 5.87
C ASP B 22 8.34 12.56 4.68
N ASN B 23 8.62 13.73 4.08
CA ASN B 23 7.83 14.15 2.94
C ASN B 23 8.13 13.33 1.70
N ILE B 24 9.28 12.63 1.68
CA ILE B 24 9.68 11.76 0.58
C ILE B 24 9.33 10.33 0.98
N VAL B 25 8.22 9.82 0.47
CA VAL B 25 7.69 8.53 0.85
C VAL B 25 7.95 7.54 -0.27
N ALA B 26 7.67 6.25 -0.01
CA ALA B 26 7.82 5.18 -0.98
C ALA B 26 6.65 4.22 -0.89
N ASP B 27 6.34 3.60 -2.02
CA ASP B 27 5.25 2.63 -2.14
C ASP B 27 5.71 1.38 -2.92
N PHE B 28 5.21 0.24 -2.47
CA PHE B 28 5.42 -1.03 -3.14
C PHE B 28 4.15 -1.40 -3.87
N ILE B 29 4.32 -2.03 -5.03
CA ILE B 29 3.25 -2.68 -5.76
C ILE B 29 3.74 -4.07 -6.13
N GLY B 30 2.94 -5.09 -5.80
CA GLY B 30 3.17 -6.44 -6.25
C GLY B 30 4.17 -7.26 -5.45
N VAL B 31 4.59 -6.82 -4.28
CA VAL B 31 5.41 -7.69 -3.43
C VAL B 31 4.53 -8.79 -2.84
N PRO B 32 4.82 -10.07 -3.10
CA PRO B 32 4.03 -11.14 -2.48
C PRO B 32 4.40 -11.35 -1.03
N ALA B 33 3.43 -11.87 -0.26
CA ALA B 33 3.70 -12.13 1.14
C ALA B 33 4.52 -13.39 1.36
N VAL B 34 4.54 -14.30 0.40
CA VAL B 34 5.37 -15.50 0.46
C VAL B 34 6.15 -15.61 -0.85
N ILE B 35 7.48 -15.71 -0.74
CA ILE B 35 8.37 -15.83 -1.89
C ILE B 35 8.96 -17.23 -1.88
N THR B 36 8.87 -17.92 -3.02
CA THR B 36 9.37 -19.28 -3.10
C THR B 36 10.88 -19.27 -3.33
N PRO B 37 11.64 -20.03 -2.54
CA PRO B 37 13.09 -20.08 -2.77
C PRO B 37 13.37 -20.57 -4.18
N GLY B 38 14.28 -19.88 -4.85
CA GLY B 38 14.65 -20.19 -6.21
C GLY B 38 13.84 -19.49 -7.27
N GLU B 39 12.66 -18.97 -6.92
CA GLU B 39 11.73 -18.39 -7.88
C GLU B 39 12.02 -16.90 -8.06
N THR B 40 11.77 -16.41 -9.28
CA THR B 40 11.96 -15.00 -9.59
C THR B 40 10.61 -14.30 -9.58
N ILE B 41 10.53 -13.21 -8.82
CA ILE B 41 9.37 -12.34 -8.79
C ILE B 41 9.78 -10.97 -9.31
N GLU B 42 8.78 -10.26 -9.84
CA GLU B 42 8.96 -8.87 -10.22
C GLU B 42 7.97 -8.03 -9.43
N PHE B 43 8.45 -6.93 -8.88
CA PHE B 43 7.60 -5.97 -8.21
C PHE B 43 8.08 -4.58 -8.60
N SER B 44 7.31 -3.59 -8.23
CA SER B 44 7.70 -2.21 -8.48
C SER B 44 7.68 -1.43 -7.17
N VAL B 45 8.52 -0.41 -7.10
CA VAL B 45 8.55 0.44 -5.92
C VAL B 45 8.87 1.85 -6.39
N PHE B 46 8.27 2.83 -5.74
CA PHE B 46 8.42 4.18 -6.24
C PHE B 46 8.40 5.14 -5.07
N TYR B 47 9.19 6.21 -5.18
CA TYR B 47 9.22 7.25 -4.18
C TYR B 47 8.69 8.55 -4.77
N THR B 48 7.92 9.27 -3.95
CA THR B 48 7.11 10.39 -4.40
C THR B 48 7.35 11.57 -3.49
N ASN B 49 7.53 12.76 -4.07
CA ASN B 49 7.75 13.96 -3.29
C ASN B 49 6.40 14.50 -2.81
N ARG B 50 6.03 14.16 -1.57
CA ARG B 50 4.81 14.66 -0.96
C ARG B 50 4.98 16.01 -0.28
N GLY B 51 6.19 16.55 -0.27
CA GLY B 51 6.43 17.86 0.29
C GLY B 51 6.39 18.90 -0.81
N ARG B 52 6.96 20.06 -0.52
CA ARG B 52 7.04 21.13 -1.50
C ARG B 52 8.45 21.45 -1.94
N TYR B 53 9.47 20.93 -1.26
CA TYR B 53 10.87 21.18 -1.61
C TYR B 53 11.32 20.19 -2.66
N ALA B 54 11.77 20.70 -3.80
CA ALA B 54 12.27 19.86 -4.88
C ALA B 54 13.72 19.49 -4.61
N TYR B 55 14.01 18.18 -4.52
CA TYR B 55 15.38 17.77 -4.25
C TYR B 55 16.18 17.71 -5.55
N PRO B 56 17.43 18.19 -5.55
CA PRO B 56 18.19 18.29 -6.81
C PRO B 56 18.66 16.94 -7.36
N ASP B 57 18.84 15.92 -6.52
CA ASP B 57 19.24 14.59 -6.97
C ASP B 57 18.71 13.55 -6.01
N THR B 58 18.19 12.45 -6.55
CA THR B 58 17.56 11.42 -5.74
C THR B 58 17.88 10.04 -6.31
N GLY B 59 17.85 9.03 -5.44
CA GLY B 59 17.97 7.65 -5.85
C GLY B 59 17.40 6.73 -4.80
N LEU B 60 16.95 5.55 -5.24
CA LEU B 60 16.35 4.60 -4.30
C LEU B 60 17.39 3.62 -3.76
N ASN B 61 17.27 3.33 -2.46
CA ASN B 61 17.99 2.22 -1.83
C ASN B 61 16.99 1.16 -1.38
N LEU B 62 17.40 -0.10 -1.46
CA LEU B 62 16.56 -1.22 -1.12
C LEU B 62 17.32 -2.07 -0.12
N VAL B 63 16.69 -2.41 1.01
CA VAL B 63 17.33 -3.21 2.05
C VAL B 63 16.62 -4.54 2.19
N ILE B 64 17.38 -5.64 2.10
CA ILE B 64 16.85 -7.00 2.25
C ILE B 64 17.21 -7.47 3.65
N TRP B 65 16.22 -7.97 4.38
CA TRP B 65 16.35 -8.23 5.81
C TRP B 65 15.78 -9.59 6.14
N PHE B 66 16.58 -10.42 6.81
CA PHE B 66 16.11 -11.66 7.44
C PHE B 66 16.23 -11.47 8.94
N SER B 67 15.11 -11.64 9.67
CA SER B 67 15.17 -11.45 11.11
C SER B 67 15.67 -12.68 11.89
N ASP B 68 15.66 -13.86 11.27
CA ASP B 68 15.81 -15.13 11.99
C ASP B 68 16.99 -15.94 11.47
N ARG B 69 17.97 -15.30 10.85
CA ARG B 69 19.24 -15.93 10.49
C ARG B 69 20.19 -14.83 10.06
N ASP B 70 21.49 -15.06 10.23
CA ASP B 70 22.45 -14.00 9.90
C ASP B 70 23.47 -14.42 8.86
N ASP B 71 23.23 -15.50 8.14
CA ASP B 71 24.16 -15.95 7.11
C ASP B 71 23.85 -15.37 5.73
N LEU B 72 22.71 -14.70 5.55
CA LEU B 72 22.39 -14.12 4.26
C LEU B 72 23.40 -13.05 3.86
N ARG B 73 23.90 -13.16 2.62
CA ARG B 73 24.75 -12.12 2.03
C ARG B 73 24.18 -11.69 0.69
N ARG B 74 24.77 -10.63 0.13
CA ARG B 74 24.36 -10.13 -1.17
C ARG B 74 24.37 -11.25 -2.20
N GLU B 75 25.39 -12.12 -2.14
CA GLU B 75 25.55 -13.18 -3.13
C GLU B 75 24.40 -14.19 -3.11
N ASP B 76 23.61 -14.25 -2.04
CA ASP B 76 22.59 -15.29 -1.96
C ASP B 76 21.32 -14.94 -2.72
N PHE B 77 21.27 -13.78 -3.35
CA PHE B 77 20.08 -13.46 -4.12
C PHE B 77 20.51 -12.72 -5.38
N LYS B 78 19.64 -12.78 -6.38
CA LYS B 78 19.81 -12.07 -7.62
C LYS B 78 18.84 -10.90 -7.69
N LEU B 79 19.32 -9.76 -8.19
CA LEU B 79 18.61 -8.50 -8.09
C LEU B 79 18.85 -7.70 -9.36
N PHE B 80 17.79 -7.45 -10.12
CA PHE B 80 17.83 -6.63 -11.31
C PHE B 80 16.80 -5.53 -11.19
N TYR B 81 17.07 -4.38 -11.80
CA TYR B 81 16.09 -3.32 -11.69
C TYR B 81 16.14 -2.40 -12.90
N LYS B 82 15.16 -1.51 -12.97
CA LYS B 82 14.98 -0.58 -14.08
C LYS B 82 14.32 0.68 -13.54
N VAL B 83 14.95 1.83 -13.74
CA VAL B 83 14.46 3.10 -13.19
C VAL B 83 13.47 3.70 -14.19
N SER B 84 12.18 3.65 -13.84
CA SER B 84 11.09 4.17 -14.67
C SER B 84 11.19 3.57 -16.08
N ARG B 85 11.31 4.40 -17.13
CA ARG B 85 11.33 3.87 -18.49
C ARG B 85 12.74 3.63 -19.03
N ALA B 86 13.78 3.80 -18.21
CA ALA B 86 15.13 3.45 -18.62
C ALA B 86 15.26 1.93 -18.73
N ASP B 87 16.43 1.45 -19.12
CA ASP B 87 16.58 0.01 -19.38
C ASP B 87 16.86 -0.76 -18.10
N TRP B 88 16.63 -2.07 -18.17
CA TRP B 88 16.99 -2.99 -17.10
C TRP B 88 18.51 -2.98 -16.89
N GLN B 89 18.93 -3.24 -15.65
CA GLN B 89 20.34 -3.42 -15.33
C GLN B 89 20.42 -4.36 -14.13
N GLU B 90 21.59 -4.99 -13.96
CA GLU B 90 21.83 -5.82 -12.80
C GLU B 90 22.35 -4.97 -11.65
N GLN B 91 21.72 -5.14 -10.47
CA GLN B 91 22.12 -4.35 -9.31
C GLN B 91 23.56 -4.67 -8.95
N ASP B 92 24.32 -3.63 -8.65
CA ASP B 92 25.77 -3.74 -8.50
C ASP B 92 26.14 -4.13 -7.09
N PRO B 93 26.79 -5.29 -6.88
CA PRO B 93 27.20 -5.67 -5.52
C PRO B 93 28.10 -4.66 -4.85
N ALA B 94 28.96 -3.97 -5.61
CA ALA B 94 29.79 -2.93 -5.01
C ALA B 94 28.98 -1.70 -4.59
N LYS B 95 27.77 -1.52 -5.10
CA LYS B 95 26.89 -0.45 -4.64
C LYS B 95 25.92 -0.94 -3.59
N CYS B 96 26.50 -1.67 -2.62
CA CYS B 96 25.79 -2.17 -1.46
C CYS B 96 26.59 -1.86 -0.20
N TRP B 97 25.85 -1.70 0.88
CA TRP B 97 26.46 -1.62 2.20
C TRP B 97 26.86 -3.03 2.64
N ASP B 98 27.84 -3.08 3.53
CA ASP B 98 28.24 -4.35 4.07
C ASP B 98 27.14 -4.90 4.98
N PRO B 99 27.03 -6.22 5.09
CA PRO B 99 26.02 -6.80 5.99
C PRO B 99 26.02 -6.15 7.36
N GLN B 100 24.81 -5.86 7.85
CA GLN B 100 24.53 -5.22 9.12
C GLN B 100 23.77 -6.20 10.01
N PHE B 101 24.14 -6.24 11.29
CA PHE B 101 23.67 -7.29 12.21
C PHE B 101 23.02 -6.72 13.46
N PRO B 102 21.69 -6.65 13.49
CA PRO B 102 21.01 -6.13 14.69
C PRO B 102 21.35 -6.96 15.92
N ALA B 103 21.36 -6.30 17.07
CA ALA B 103 21.75 -6.96 18.32
C ALA B 103 20.83 -8.13 18.67
N GLU B 104 19.57 -8.06 18.25
CA GLU B 104 18.61 -9.14 18.47
C GLU B 104 18.74 -10.26 17.45
N GLY B 105 19.69 -10.17 16.52
CA GLY B 105 19.83 -11.18 15.50
C GLY B 105 19.32 -10.71 14.15
N GLY B 106 19.62 -11.53 13.15
CA GLY B 106 19.23 -11.29 11.79
C GLY B 106 20.35 -10.62 11.00
N VAL B 107 20.01 -10.22 9.78
CA VAL B 107 20.96 -9.54 8.92
C VAL B 107 20.16 -8.73 7.94
N HIS B 108 20.73 -7.61 7.50
CA HIS B 108 20.15 -6.93 6.35
C HIS B 108 21.24 -6.38 5.42
N ILE B 109 20.91 -6.39 4.13
CA ILE B 109 21.82 -6.00 3.06
C ILE B 109 21.20 -4.83 2.30
N ALA B 110 21.82 -3.67 2.40
CA ALA B 110 21.35 -2.46 1.74
C ALA B 110 21.93 -2.38 0.34
N CYS B 111 21.05 -2.24 -0.65
CA CYS B 111 21.42 -2.24 -2.06
C CYS B 111 21.00 -0.92 -2.68
N GLN B 112 21.90 -0.31 -3.45
CA GLN B 112 21.58 0.92 -4.15
C GLN B 112 20.95 0.61 -5.49
N LEU B 113 19.77 1.21 -5.76
CA LEU B 113 19.11 1.08 -7.05
C LEU B 113 18.84 2.44 -7.68
N SER B 114 19.88 3.24 -7.91
CA SER B 114 19.72 4.61 -8.40
C SER B 114 20.00 4.69 -9.91
N GLY B 115 19.85 5.88 -10.46
CA GLY B 115 20.16 6.10 -11.85
C GLY B 115 19.11 6.91 -12.58
N PRO B 116 19.42 7.34 -13.81
CA PRO B 116 18.45 8.12 -14.60
C PRO B 116 17.17 7.33 -14.90
N ASP B 117 16.06 8.07 -15.03
CA ASP B 117 14.75 7.45 -15.15
C ASP B 117 14.21 7.47 -16.57
N GLY B 118 15.10 7.66 -17.56
CA GLY B 118 14.69 7.71 -18.94
C GLY B 118 14.26 9.07 -19.43
N GLY B 119 14.72 10.14 -18.79
CA GLY B 119 14.42 11.50 -19.19
C GLY B 119 13.07 12.00 -18.76
N ILE B 120 12.40 11.32 -17.84
CA ILE B 120 11.12 11.79 -17.31
C ILE B 120 11.44 12.90 -16.33
N LEU B 121 12.00 12.52 -15.18
CA LEU B 121 12.51 13.54 -14.28
C LEU B 121 13.99 13.78 -14.47
N SER B 122 14.72 12.79 -14.98
CA SER B 122 16.17 12.87 -15.01
C SER B 122 16.63 13.92 -16.03
N LYS B 123 17.79 14.47 -15.75
CA LYS B 123 18.33 15.57 -16.53
C LYS B 123 19.59 15.13 -17.25
N PRO B 124 20.02 15.89 -18.27
CA PRO B 124 21.21 15.48 -19.03
C PRO B 124 22.49 15.31 -18.22
N ASP B 125 22.65 16.00 -17.09
CA ASP B 125 23.85 15.79 -16.28
C ASP B 125 23.81 14.50 -15.45
N GLY B 126 22.74 13.72 -15.54
CA GLY B 126 22.62 12.48 -14.80
C GLY B 126 21.80 12.57 -13.54
N THR B 127 21.51 13.78 -13.06
CA THR B 127 20.73 13.94 -11.84
C THR B 127 19.28 13.55 -12.08
N VAL B 128 18.63 13.11 -11.01
CA VAL B 128 17.22 12.79 -11.06
C VAL B 128 16.52 13.71 -10.06
N PRO B 129 16.24 14.97 -10.41
CA PRO B 129 15.53 15.85 -9.49
C PRO B 129 14.10 15.39 -9.22
N LEU B 130 13.61 15.72 -8.03
CA LEU B 130 12.31 15.27 -7.54
C LEU B 130 11.46 16.48 -7.16
N PRO B 131 10.74 17.06 -8.11
CA PRO B 131 9.83 18.16 -7.79
C PRO B 131 8.59 17.65 -7.06
N GLU B 132 7.81 18.60 -6.54
CA GLU B 132 6.64 18.23 -5.75
C GLU B 132 5.65 17.42 -6.59
N VAL B 133 5.14 16.36 -5.97
CA VAL B 133 4.12 15.46 -6.50
C VAL B 133 4.75 14.49 -7.50
N GLU B 134 5.98 14.74 -7.93
CA GLU B 134 6.60 13.83 -8.88
C GLU B 134 7.11 12.58 -8.18
N SER B 135 7.47 11.57 -8.98
CA SER B 135 7.90 10.28 -8.48
C SER B 135 8.86 9.61 -9.45
N VAL B 136 9.67 8.71 -8.90
CA VAL B 136 10.61 7.87 -9.65
C VAL B 136 10.28 6.43 -9.30
N THR B 137 10.24 5.56 -10.30
CA THR B 137 9.87 4.16 -10.10
C THR B 137 11.05 3.24 -10.37
N ALA B 138 11.20 2.22 -9.53
CA ALA B 138 12.07 1.07 -9.81
C ALA B 138 11.19 -0.16 -9.99
N HIS B 139 11.30 -0.77 -11.16
CA HIS B 139 10.81 -2.11 -11.40
C HIS B 139 11.92 -3.07 -10.98
N VAL B 140 11.57 -4.10 -10.21
CA VAL B 140 12.58 -4.89 -9.56
C VAL B 140 12.32 -6.36 -9.82
N ARG B 141 13.36 -7.10 -10.21
CA ARG B 141 13.31 -8.55 -10.33
C ARG B 141 14.23 -9.15 -9.28
N LEU B 142 13.69 -10.04 -8.47
CA LEU B 142 14.36 -10.54 -7.28
C LEU B 142 14.20 -12.06 -7.21
N ALA B 143 15.29 -12.72 -6.86
CA ALA B 143 15.26 -14.16 -6.70
C ALA B 143 16.28 -14.51 -5.62
N PHE B 144 15.86 -15.30 -4.65
CA PHE B 144 16.78 -15.89 -3.67
C PHE B 144 17.15 -17.28 -4.16
N ARG B 145 18.39 -17.69 -3.87
CA ARG B 145 18.82 -19.03 -4.26
C ARG B 145 18.05 -20.09 -3.49
N GLU B 146 17.91 -21.27 -4.10
CA GLU B 146 17.29 -22.39 -3.42
C GLU B 146 18.00 -22.72 -2.11
N GLY B 147 17.23 -23.25 -1.17
CA GLY B 147 17.81 -23.71 0.07
C GLY B 147 18.00 -22.65 1.12
N ILE B 148 17.59 -21.41 0.86
CA ILE B 148 17.58 -20.38 1.88
C ILE B 148 16.14 -19.99 2.14
N THR B 149 15.78 -19.96 3.42
CA THR B 149 14.43 -19.68 3.84
C THR B 149 14.49 -18.65 4.95
N SER B 150 13.33 -18.04 5.21
CA SER B 150 13.19 -17.14 6.33
C SER B 150 11.72 -17.09 6.73
N GLU B 151 11.47 -17.09 8.04
CA GLU B 151 10.09 -17.07 8.57
C GLU B 151 9.61 -15.68 8.97
N HIS B 152 10.47 -14.67 8.91
CA HIS B 152 10.01 -13.30 9.03
C HIS B 152 11.08 -12.42 8.39
N ALA B 153 10.76 -11.86 7.23
CA ALA B 153 11.73 -11.15 6.41
C ALA B 153 11.05 -9.91 5.84
N GLY B 154 11.86 -9.00 5.31
CA GLY B 154 11.33 -7.80 4.70
C GLY B 154 12.20 -7.20 3.61
N ILE B 155 11.54 -6.52 2.69
CA ILE B 155 12.17 -5.54 1.81
C ILE B 155 11.83 -4.16 2.37
N PHE B 156 12.82 -3.28 2.44
CA PHE B 156 12.59 -1.93 2.93
C PHE B 156 13.03 -0.94 1.86
N ALA B 157 12.17 0.01 1.55
CA ALA B 157 12.46 1.05 0.58
C ALA B 157 12.94 2.27 1.34
N LEU B 158 14.13 2.75 0.99
CA LEU B 158 14.76 3.88 1.65
C LEU B 158 15.13 4.92 0.61
N PRO B 159 14.30 5.93 0.40
CA PRO B 159 14.65 7.00 -0.55
C PRO B 159 15.86 7.79 -0.06
N GLY B 160 16.83 7.95 -0.95
CA GLY B 160 17.99 8.79 -0.71
C GLY B 160 17.90 10.06 -1.53
N MET B 161 18.20 11.19 -0.89
CA MET B 161 18.21 12.46 -1.58
C MET B 161 19.49 13.20 -1.26
N LEU B 162 19.85 14.12 -2.14
CA LEU B 162 20.90 15.06 -1.86
C LEU B 162 20.25 16.38 -1.48
N ASP B 163 20.29 16.70 -0.18
CA ASP B 163 20.05 18.07 0.25
C ASP B 163 21.11 18.93 -0.42
N ALA B 164 20.69 19.89 -1.23
CA ALA B 164 21.62 20.74 -1.97
C ALA B 164 22.44 19.94 -3.00
N PRO B 165 22.78 20.55 -4.15
CA PRO B 165 23.47 19.81 -5.23
C PRO B 165 24.84 19.27 -4.86
N GLY B 166 25.74 20.13 -4.41
CA GLY B 166 27.08 19.69 -4.14
C GLY B 166 27.25 18.79 -2.93
N ASP B 167 26.17 18.43 -2.24
CA ASP B 167 26.33 17.49 -1.14
C ASP B 167 26.58 16.09 -1.68
N LYS B 168 27.26 15.26 -0.88
CA LYS B 168 27.67 13.92 -1.27
C LYS B 168 27.06 12.87 -0.35
N SER B 169 26.91 11.65 -0.88
CA SER B 169 26.25 10.56 -0.16
C SER B 169 27.02 10.17 1.10
N ILE B 170 26.28 9.75 2.12
CA ILE B 170 26.77 9.65 3.50
C ILE B 170 27.11 8.21 3.89
N ILE B 171 26.39 7.24 3.35
CA ILE B 171 26.63 5.82 3.63
C ILE B 171 27.31 5.20 2.43
N PRO B 172 28.45 4.51 2.60
CA PRO B 172 29.17 3.98 1.43
C PRO B 172 28.33 2.89 0.77
N GLY B 173 28.15 3.00 -0.55
CA GLY B 173 27.39 2.07 -1.33
C GLY B 173 25.96 2.50 -1.62
N LEU B 174 25.38 3.31 -0.74
CA LEU B 174 24.01 3.78 -0.91
C LEU B 174 23.99 5.25 -1.33
N PHE B 175 22.88 5.63 -1.97
CA PHE B 175 22.72 6.99 -2.47
C PHE B 175 22.12 7.91 -1.41
N GLY B 176 22.78 9.04 -1.18
CA GLY B 176 22.18 10.13 -0.43
C GLY B 176 22.91 10.52 0.85
N ASN B 177 22.74 11.78 1.25
CA ASN B 177 23.16 12.27 2.55
C ASN B 177 21.99 12.51 3.49
N VAL B 178 20.77 12.68 2.96
CA VAL B 178 19.54 12.65 3.73
C VAL B 178 18.64 11.60 3.12
N PHE B 179 17.61 11.20 3.87
CA PHE B 179 16.80 10.07 3.47
C PHE B 179 15.32 10.37 3.65
N GLY B 180 14.50 9.58 2.95
CA GLY B 180 13.07 9.72 3.01
C GLY B 180 12.44 8.73 3.99
N ARG B 181 11.13 8.66 3.94
CA ARG B 181 10.38 7.87 4.90
C ARG B 181 10.50 6.40 4.51
N LEU B 182 11.02 5.59 5.44
CA LEU B 182 11.20 4.17 5.19
C LEU B 182 9.85 3.50 4.99
N GLN B 183 9.76 2.64 3.97
CA GLN B 183 8.55 1.87 3.71
C GLN B 183 8.90 0.40 3.70
N GLN B 184 7.99 -0.43 4.24
CA GLN B 184 8.25 -1.84 4.52
C GLN B 184 7.37 -2.77 3.66
N ALA B 185 7.89 -3.95 3.36
CA ALA B 185 7.08 -5.05 2.85
C ALA B 185 7.55 -6.29 3.60
N SER B 186 6.70 -6.86 4.43
CA SER B 186 7.09 -8.05 5.17
C SER B 186 6.69 -9.27 4.36
N PHE B 187 7.51 -10.31 4.40
CA PHE B 187 7.21 -11.54 3.67
C PHE B 187 7.87 -12.72 4.39
N ARG B 188 7.52 -13.93 3.96
CA ARG B 188 8.22 -15.15 4.30
C ARG B 188 8.92 -15.69 3.07
N LEU B 189 10.10 -16.30 3.24
CA LEU B 189 10.82 -16.96 2.14
C LEU B 189 10.72 -18.45 2.40
N GLY B 190 9.86 -19.14 1.65
CA GLY B 190 9.65 -20.55 1.94
C GLY B 190 8.38 -21.05 1.28
N GLU B 191 7.70 -21.98 1.95
CA GLU B 191 6.51 -22.60 1.37
C GLU B 191 5.24 -21.84 1.74
N GLY B 192 4.30 -21.86 0.81
CA GLY B 192 3.04 -21.21 1.00
C GLY B 192 2.19 -22.04 1.93
N PRO B 193 1.06 -21.49 2.35
CA PRO B 193 0.26 -22.15 3.39
C PRO B 193 -0.35 -23.44 2.93
N SER B 194 -0.32 -24.43 3.82
CA SER B 194 -1.18 -25.57 3.66
C SER B 194 -2.63 -25.13 3.72
N SER B 195 -3.53 -25.92 3.16
CA SER B 195 -4.95 -25.62 3.23
C SER B 195 -5.39 -25.72 4.68
N LEU B 196 -6.04 -24.66 5.19
CA LEU B 196 -6.59 -24.66 6.54
C LEU B 196 -7.87 -25.47 6.68
N TYR B 197 -8.57 -25.74 5.59
CA TYR B 197 -9.81 -26.54 5.63
C TYR B 197 -9.56 -27.96 5.16
N GLY C 9 2.48 12.91 26.92
CA GLY C 9 1.72 12.05 26.03
C GLY C 9 1.48 12.57 24.61
N PRO C 10 0.98 11.68 23.76
CA PRO C 10 0.64 12.07 22.39
C PRO C 10 -0.75 12.72 22.30
N VAL C 11 -1.08 13.23 21.10
CA VAL C 11 -2.38 13.84 20.88
C VAL C 11 -3.30 12.86 20.16
N TYR C 12 -4.54 12.79 20.64
CA TYR C 12 -5.56 11.88 20.14
C TYR C 12 -6.67 12.63 19.45
N ARG C 13 -7.36 11.93 18.54
CA ARG C 13 -8.65 12.36 18.05
C ARG C 13 -9.69 11.42 18.65
N GLU C 14 -10.90 11.92 18.77
CA GLU C 14 -12.01 11.14 19.30
C GLU C 14 -12.76 10.62 18.10
N TYR C 15 -12.90 9.31 17.99
CA TYR C 15 -13.79 8.74 17.00
C TYR C 15 -14.71 7.80 17.77
N LYS C 16 -16.01 8.09 17.73
CA LYS C 16 -16.99 7.56 18.70
C LYS C 16 -16.44 7.99 20.06
N GLY C 17 -16.35 7.13 21.05
CA GLY C 17 -15.79 7.49 22.32
C GLY C 17 -14.33 7.10 22.50
N PHE C 18 -13.67 6.67 21.42
CA PHE C 18 -12.37 6.03 21.48
C PHE C 18 -11.29 7.01 21.04
N ARG C 19 -10.09 6.83 21.60
CA ARG C 19 -8.99 7.70 21.26
C ARG C 19 -8.13 7.07 20.18
N VAL C 20 -7.74 7.88 19.20
CA VAL C 20 -7.06 7.41 18.00
C VAL C 20 -5.81 8.24 17.81
N ASN C 21 -4.66 7.60 17.74
CA ASN C 21 -3.42 8.24 17.34
C ASN C 21 -3.17 7.86 15.89
N ASP C 22 -3.49 8.79 14.97
CA ASP C 22 -3.26 8.58 13.55
C ASP C 22 -1.79 8.33 13.23
N ASN C 23 -0.87 8.57 14.19
CA ASN C 23 0.55 8.33 13.95
C ASN C 23 0.93 6.85 13.93
N ILE C 24 0.10 5.96 14.45
CA ILE C 24 0.39 4.53 14.39
C ILE C 24 -0.42 3.98 13.21
N VAL C 25 0.26 3.77 12.09
CA VAL C 25 -0.36 3.41 10.84
C VAL C 25 -0.18 1.92 10.60
N ALA C 26 -0.85 1.39 9.58
CA ALA C 26 -0.75 -0.02 9.23
C ALA C 26 -0.68 -0.18 7.71
N ASP C 27 0.01 -1.22 7.28
CA ASP C 27 0.17 -1.51 5.85
C ASP C 27 -0.11 -2.98 5.64
N PHE C 28 -0.73 -3.28 4.51
CA PHE C 28 -0.98 -4.63 4.06
C PHE C 28 0.01 -4.95 2.97
N ILE C 29 0.36 -6.24 2.88
CA ILE C 29 1.10 -6.79 1.76
C ILE C 29 0.43 -8.08 1.34
N GLY C 30 0.12 -8.18 0.04
CA GLY C 30 -0.30 -9.46 -0.50
C GLY C 30 -1.75 -9.80 -0.29
N VAL C 31 -2.59 -8.84 0.07
CA VAL C 31 -4.03 -9.11 0.13
C VAL C 31 -4.53 -9.23 -1.31
N PRO C 32 -5.11 -10.35 -1.71
CA PRO C 32 -5.67 -10.42 -3.05
C PRO C 32 -6.97 -9.65 -3.10
N ALA C 33 -7.29 -9.15 -4.30
CA ALA C 33 -8.54 -8.42 -4.47
C ALA C 33 -9.73 -9.37 -4.54
N VAL C 34 -9.49 -10.63 -4.87
CA VAL C 34 -10.54 -11.65 -4.91
C VAL C 34 -10.02 -12.85 -4.13
N ILE C 35 -10.80 -13.31 -3.17
CA ILE C 35 -10.49 -14.49 -2.38
C ILE C 35 -11.51 -15.55 -2.73
N THR C 36 -11.05 -16.75 -3.03
CA THR C 36 -11.92 -17.86 -3.37
C THR C 36 -12.46 -18.52 -2.09
N PRO C 37 -13.75 -18.78 -2.00
CA PRO C 37 -14.28 -19.50 -0.83
C PRO C 37 -13.61 -20.85 -0.67
N GLY C 38 -13.22 -21.17 0.57
CA GLY C 38 -12.59 -22.43 0.91
C GLY C 38 -11.08 -22.45 0.81
N GLU C 39 -10.50 -21.51 0.10
CA GLU C 39 -9.07 -21.49 -0.18
C GLU C 39 -8.30 -20.74 0.91
N THR C 40 -7.06 -21.17 1.14
CA THR C 40 -6.22 -20.53 2.15
C THR C 40 -5.28 -19.53 1.49
N ILE C 41 -5.29 -18.30 1.99
CA ILE C 41 -4.35 -17.29 1.54
C ILE C 41 -3.44 -16.86 2.69
N GLU C 42 -2.24 -16.40 2.33
CA GLU C 42 -1.32 -15.79 3.28
C GLU C 42 -1.05 -14.35 2.84
N PHE C 43 -1.16 -13.41 3.77
CA PHE C 43 -0.76 -12.04 3.51
C PHE C 43 -0.05 -11.57 4.76
N SER C 44 0.56 -10.40 4.70
CA SER C 44 1.19 -9.82 5.87
C SER C 44 0.64 -8.41 6.10
N VAL C 45 0.64 -8.00 7.37
CA VAL C 45 0.16 -6.68 7.75
C VAL C 45 1.02 -6.22 8.91
N PHE C 46 1.32 -4.93 8.96
CA PHE C 46 2.26 -4.48 9.97
C PHE C 46 1.90 -3.07 10.39
N TYR C 47 2.12 -2.77 11.67
CA TYR C 47 1.84 -1.44 12.17
C TYR C 47 3.13 -0.76 12.60
N THR C 48 3.22 0.55 12.35
CA THR C 48 4.46 1.29 12.48
C THR C 48 4.28 2.58 13.26
N ASN C 49 5.22 2.86 14.15
CA ASN C 49 5.17 4.10 14.90
C ASN C 49 5.79 5.19 14.03
N ARG C 50 4.92 5.94 13.34
CA ARG C 50 5.27 7.13 12.58
C ARG C 50 5.28 8.38 13.44
N GLY C 51 5.04 8.25 14.74
CA GLY C 51 5.11 9.36 15.66
C GLY C 51 6.44 9.40 16.40
N ARG C 52 6.45 10.17 17.49
CA ARG C 52 7.64 10.29 18.30
C ARG C 52 7.47 9.70 19.68
N TYR C 53 6.23 9.42 20.10
CA TYR C 53 5.94 8.84 21.40
C TYR C 53 6.02 7.32 21.32
N ALA C 54 6.90 6.75 22.12
CA ALA C 54 7.08 5.30 22.17
C ALA C 54 5.96 4.70 23.00
N TYR C 55 5.23 3.76 22.42
CA TYR C 55 4.13 3.16 23.18
C TYR C 55 4.61 1.97 24.02
N PRO C 56 4.15 1.88 25.26
CA PRO C 56 4.66 0.81 26.13
C PRO C 56 4.13 -0.57 25.78
N ASP C 57 2.96 -0.69 25.17
CA ASP C 57 2.48 -2.01 24.80
C ASP C 57 1.52 -1.89 23.62
N THR C 58 1.69 -2.76 22.63
CA THR C 58 0.95 -2.64 21.39
C THR C 58 0.57 -4.03 20.92
N GLY C 59 -0.51 -4.10 20.16
CA GLY C 59 -0.89 -5.32 19.49
C GLY C 59 -1.82 -5.00 18.35
N LEU C 60 -1.86 -5.88 17.36
CA LEU C 60 -2.65 -5.67 16.17
C LEU C 60 -4.06 -6.21 16.39
N ASN C 61 -5.05 -5.46 15.92
CA ASN C 61 -6.39 -6.00 15.78
C ASN C 61 -6.73 -6.02 14.30
N LEU C 62 -7.49 -7.03 13.90
CA LEU C 62 -7.87 -7.24 12.51
C LEU C 62 -9.39 -7.36 12.41
N VAL C 63 -10.01 -6.56 11.56
CA VAL C 63 -11.47 -6.57 11.44
C VAL C 63 -11.83 -7.10 10.06
N ILE C 64 -12.69 -8.12 10.04
CA ILE C 64 -13.23 -8.69 8.81
C ILE C 64 -14.67 -8.22 8.64
N TRP C 65 -14.97 -7.63 7.48
CA TRP C 65 -16.19 -6.88 7.29
C TRP C 65 -16.87 -7.34 6.01
N PHE C 66 -18.15 -7.68 6.08
CA PHE C 66 -18.98 -7.88 4.90
C PHE C 66 -20.00 -6.75 4.86
N SER C 67 -20.01 -6.00 3.77
CA SER C 67 -20.95 -4.90 3.70
C SER C 67 -22.33 -5.35 3.29
N ASP C 68 -22.45 -6.55 2.71
CA ASP C 68 -23.68 -6.93 2.01
C ASP C 68 -24.31 -8.18 2.59
N ARG C 69 -23.98 -8.54 3.82
CA ARG C 69 -24.65 -9.61 4.53
C ARG C 69 -24.19 -9.52 5.97
N ASP C 70 -25.03 -10.04 6.86
CA ASP C 70 -24.82 -9.91 8.29
C ASP C 70 -24.80 -11.25 9.02
N ASP C 71 -24.66 -12.36 8.30
CA ASP C 71 -24.62 -13.68 8.91
C ASP C 71 -23.22 -14.18 9.16
N LEU C 72 -22.21 -13.47 8.68
CA LEU C 72 -20.83 -13.87 8.89
C LEU C 72 -20.51 -13.89 10.39
N ARG C 73 -19.92 -14.98 10.86
CA ARG C 73 -19.45 -15.08 12.23
C ARG C 73 -17.99 -15.51 12.23
N ARG C 74 -17.37 -15.47 13.42
CA ARG C 74 -16.00 -15.94 13.58
C ARG C 74 -15.84 -17.39 13.13
N GLU C 75 -16.85 -18.23 13.40
CA GLU C 75 -16.78 -19.63 13.01
C GLU C 75 -16.74 -19.83 11.49
N ASP C 76 -17.03 -18.80 10.70
CA ASP C 76 -17.09 -19.00 9.26
C ASP C 76 -15.73 -18.94 8.59
N PHE C 77 -14.66 -18.65 9.31
CA PHE C 77 -13.35 -18.64 8.71
C PHE C 77 -12.31 -19.17 9.68
N LYS C 78 -11.18 -19.57 9.10
CA LYS C 78 -10.02 -20.01 9.85
C LYS C 78 -8.92 -18.96 9.74
N LEU C 79 -8.26 -18.70 10.85
CA LEU C 79 -7.41 -17.53 10.97
C LEU C 79 -6.21 -17.95 11.80
N PHE C 80 -5.02 -17.91 11.19
CA PHE C 80 -3.75 -18.18 11.85
C PHE C 80 -2.80 -17.02 11.61
N TYR C 81 -1.89 -16.80 12.54
CA TYR C 81 -0.95 -15.69 12.42
C TYR C 81 0.29 -15.93 13.27
N LYS C 82 1.29 -15.06 13.07
CA LYS C 82 2.54 -15.06 13.80
C LYS C 82 3.04 -13.62 13.87
N VAL C 83 3.44 -13.19 15.06
CA VAL C 83 3.89 -11.82 15.28
C VAL C 83 5.39 -11.81 14.93
N SER C 84 5.73 -11.20 13.81
CA SER C 84 7.13 -11.10 13.40
C SER C 84 7.86 -12.43 13.37
N ARG C 85 8.86 -12.56 14.21
CA ARG C 85 9.73 -13.71 14.27
C ARG C 85 9.22 -14.81 15.21
N ALA C 86 8.05 -14.62 15.86
CA ALA C 86 7.49 -15.66 16.70
C ALA C 86 6.77 -16.73 15.88
N ASP C 87 6.31 -17.79 16.56
CA ASP C 87 5.73 -18.91 15.84
C ASP C 87 4.27 -18.65 15.48
N TRP C 88 3.80 -19.44 14.52
CA TRP C 88 2.39 -19.43 14.17
C TRP C 88 1.55 -19.84 15.36
N GLN C 89 0.34 -19.29 15.42
CA GLN C 89 -0.66 -19.68 16.40
C GLN C 89 -2.02 -19.52 15.75
N GLU C 90 -3.00 -20.28 16.24
CA GLU C 90 -4.36 -20.08 15.78
C GLU C 90 -4.95 -18.90 16.53
N GLN C 91 -5.63 -18.02 15.78
CA GLN C 91 -6.25 -16.86 16.42
C GLN C 91 -7.30 -17.32 17.43
N ASP C 92 -7.38 -16.65 18.58
CA ASP C 92 -8.25 -17.11 19.66
C ASP C 92 -9.64 -16.48 19.52
N PRO C 93 -10.70 -17.26 19.29
CA PRO C 93 -12.05 -16.67 19.16
C PRO C 93 -12.50 -15.92 20.40
N ALA C 94 -12.10 -16.40 21.59
CA ALA C 94 -12.40 -15.69 22.82
C ALA C 94 -11.68 -14.35 22.88
N LYS C 95 -10.69 -14.14 22.02
CA LYS C 95 -10.04 -12.85 21.85
C LYS C 95 -10.58 -12.15 20.61
N CYS C 96 -11.91 -12.12 20.50
CA CYS C 96 -12.61 -11.37 19.47
C CYS C 96 -13.72 -10.57 20.10
N TRP C 97 -14.04 -9.46 19.47
CA TRP C 97 -15.22 -8.70 19.82
C TRP C 97 -16.45 -9.45 19.33
N ASP C 98 -17.60 -9.15 19.94
CA ASP C 98 -18.84 -9.70 19.44
C ASP C 98 -19.11 -9.12 18.05
N PRO C 99 -19.80 -9.87 17.18
CA PRO C 99 -20.19 -9.30 15.89
C PRO C 99 -20.84 -7.93 16.07
N GLN C 100 -20.45 -7.00 15.20
CA GLN C 100 -20.97 -5.65 15.18
C GLN C 100 -21.68 -5.44 13.87
N PHE C 101 -22.83 -4.74 13.92
CA PHE C 101 -23.76 -4.62 12.80
C PHE C 101 -23.99 -3.17 12.42
N PRO C 102 -23.29 -2.64 11.42
CA PRO C 102 -23.45 -1.21 11.07
C PRO C 102 -24.89 -0.86 10.74
N ALA C 103 -25.26 0.39 11.01
CA ALA C 103 -26.64 0.83 10.78
C ALA C 103 -27.00 0.76 9.30
N GLU C 104 -26.01 0.84 8.41
CA GLU C 104 -26.29 0.75 6.98
C GLU C 104 -26.36 -0.68 6.50
N GLY C 105 -26.24 -1.65 7.39
CA GLY C 105 -26.21 -3.05 7.02
C GLY C 105 -24.80 -3.62 7.13
N GLY C 106 -24.74 -4.94 7.03
CA GLY C 106 -23.48 -5.66 7.08
C GLY C 106 -23.14 -6.16 8.45
N VAL C 107 -21.91 -6.67 8.59
CA VAL C 107 -21.40 -7.20 9.85
C VAL C 107 -19.88 -7.11 9.85
N HIS C 108 -19.29 -6.91 11.03
CA HIS C 108 -17.84 -7.05 11.12
C HIS C 108 -17.41 -7.75 12.41
N ILE C 109 -16.32 -8.49 12.27
CA ILE C 109 -15.79 -9.39 13.28
C ILE C 109 -14.39 -8.86 13.58
N ALA C 110 -14.22 -8.27 14.74
CA ALA C 110 -12.93 -7.72 15.14
C ALA C 110 -12.13 -8.79 15.88
N CYS C 111 -10.92 -9.08 15.39
CA CYS C 111 -10.08 -10.16 15.92
C CYS C 111 -8.75 -9.62 16.44
N GLN C 112 -8.33 -10.11 17.61
CA GLN C 112 -7.05 -9.73 18.22
C GLN C 112 -5.92 -10.62 17.69
N LEU C 113 -4.84 -9.98 17.22
CA LEU C 113 -3.64 -10.67 16.73
C LEU C 113 -2.43 -10.18 17.52
N SER C 114 -2.48 -10.34 18.82
CA SER C 114 -1.45 -9.80 19.69
C SER C 114 -0.49 -10.90 20.08
N GLY C 115 0.60 -10.52 20.75
CA GLY C 115 1.54 -11.49 21.29
C GLY C 115 2.99 -11.08 21.14
N PRO C 116 3.91 -11.79 21.80
CA PRO C 116 5.34 -11.43 21.67
C PRO C 116 5.77 -11.58 20.22
N ASP C 117 6.76 -10.77 19.82
CA ASP C 117 7.16 -10.70 18.42
C ASP C 117 8.46 -11.46 18.12
N GLY C 118 8.86 -12.39 18.99
CA GLY C 118 10.08 -13.13 18.78
C GLY C 118 11.34 -12.46 19.28
N GLY C 119 11.22 -11.57 20.25
CA GLY C 119 12.37 -10.91 20.82
C GLY C 119 12.94 -9.79 20.01
N ILE C 120 12.20 -9.26 19.07
CA ILE C 120 12.72 -8.13 18.33
C ILE C 120 12.47 -6.89 19.14
N LEU C 121 11.19 -6.45 19.20
CA LEU C 121 10.78 -5.36 20.08
C LEU C 121 10.29 -5.82 21.45
N SER C 122 9.81 -7.06 21.56
CA SER C 122 9.13 -7.48 22.77
C SER C 122 10.13 -7.62 23.91
N LYS C 123 9.62 -7.51 25.15
CA LYS C 123 10.37 -7.48 26.38
C LYS C 123 10.11 -8.74 27.21
N PRO C 124 11.03 -9.07 28.14
CA PRO C 124 10.87 -10.32 28.92
C PRO C 124 9.56 -10.41 29.67
N ASP C 125 8.98 -9.28 30.07
CA ASP C 125 7.69 -9.21 30.75
C ASP C 125 6.48 -9.36 29.81
N GLY C 126 6.68 -9.55 28.51
CA GLY C 126 5.59 -9.81 27.60
C GLY C 126 5.09 -8.61 26.83
N THR C 127 5.41 -7.39 27.25
CA THR C 127 4.95 -6.24 26.50
C THR C 127 5.72 -6.09 25.19
N VAL C 128 5.06 -5.49 24.21
CA VAL C 128 5.70 -5.21 22.92
C VAL C 128 5.73 -3.71 22.74
N PRO C 129 6.73 -3.02 23.30
CA PRO C 129 6.84 -1.59 23.10
C PRO C 129 7.07 -1.25 21.63
N LEU C 130 6.63 -0.06 21.25
CA LEU C 130 6.73 0.41 19.86
C LEU C 130 7.43 1.76 19.83
N PRO C 131 8.76 1.75 19.72
CA PRO C 131 9.51 3.01 19.60
C PRO C 131 9.29 3.66 18.25
N GLU C 132 9.72 4.91 18.12
CA GLU C 132 9.52 5.59 16.85
C GLU C 132 10.24 4.84 15.74
N VAL C 133 9.55 4.72 14.60
CA VAL C 133 10.06 4.12 13.37
C VAL C 133 10.08 2.60 13.48
N GLU C 134 9.84 2.05 14.66
CA GLU C 134 9.86 0.60 14.76
C GLU C 134 8.52 0.03 14.29
N SER C 135 8.47 -1.28 14.07
CA SER C 135 7.25 -1.87 13.54
C SER C 135 7.09 -3.30 14.01
N VAL C 136 5.84 -3.75 14.03
CA VAL C 136 5.44 -5.12 14.35
C VAL C 136 4.60 -5.64 13.20
N THR C 137 4.87 -6.86 12.74
CA THR C 137 4.10 -7.43 11.65
C THR C 137 3.41 -8.70 12.09
N ALA C 138 2.21 -8.93 11.54
CA ALA C 138 1.54 -10.21 11.60
C ALA C 138 1.57 -10.84 10.22
N HIS C 139 2.08 -12.06 10.13
CA HIS C 139 1.86 -12.90 8.97
C HIS C 139 0.59 -13.64 9.24
N VAL C 140 -0.30 -13.67 8.27
CA VAL C 140 -1.69 -14.07 8.49
C VAL C 140 -2.06 -15.15 7.48
N ARG C 141 -2.64 -16.24 7.96
CA ARG C 141 -3.26 -17.22 7.08
C ARG C 141 -4.75 -17.19 7.33
N LEU C 142 -5.53 -17.01 6.25
CA LEU C 142 -6.96 -16.79 6.30
C LEU C 142 -7.65 -17.68 5.28
N ALA C 143 -8.76 -18.27 5.68
CA ALA C 143 -9.56 -19.07 4.79
C ALA C 143 -11.02 -18.91 5.21
N PHE C 144 -11.90 -18.60 4.26
CA PHE C 144 -13.33 -18.64 4.54
C PHE C 144 -13.88 -20.00 4.16
N ARG C 145 -14.86 -20.48 4.92
CA ARG C 145 -15.47 -21.74 4.55
C ARG C 145 -16.18 -21.62 3.22
N GLU C 146 -16.26 -22.73 2.50
CA GLU C 146 -17.03 -22.75 1.28
C GLU C 146 -18.48 -22.41 1.57
N GLY C 147 -19.15 -21.87 0.57
CA GLY C 147 -20.58 -21.64 0.68
C GLY C 147 -20.97 -20.31 1.29
N ILE C 148 -20.01 -19.45 1.63
CA ILE C 148 -20.29 -18.07 1.98
C ILE C 148 -19.49 -17.17 1.03
N THR C 149 -20.16 -16.14 0.50
CA THR C 149 -19.56 -15.24 -0.48
C THR C 149 -19.86 -13.81 -0.07
N SER C 150 -19.13 -12.88 -0.68
CA SER C 150 -19.46 -11.47 -0.49
C SER C 150 -18.95 -10.68 -1.70
N GLU C 151 -19.75 -9.73 -2.16
CA GLU C 151 -19.36 -8.97 -3.32
C GLU C 151 -18.76 -7.61 -2.95
N HIS C 152 -18.72 -7.26 -1.67
CA HIS C 152 -17.96 -6.07 -1.26
C HIS C 152 -17.58 -6.25 0.21
N ALA C 153 -16.30 -6.48 0.45
CA ALA C 153 -15.82 -6.86 1.78
C ALA C 153 -14.49 -6.19 2.02
N GLY C 154 -14.03 -6.23 3.26
CA GLY C 154 -12.75 -5.62 3.57
C GLY C 154 -12.09 -6.32 4.74
N ILE C 155 -10.79 -6.28 4.75
CA ILE C 155 -10.01 -6.53 5.95
C ILE C 155 -9.58 -5.18 6.47
N PHE C 156 -9.69 -4.96 7.79
CA PHE C 156 -9.25 -3.70 8.38
C PHE C 156 -8.20 -3.95 9.44
N ALA C 157 -7.12 -3.18 9.37
CA ALA C 157 -6.02 -3.22 10.33
C ALA C 157 -6.21 -2.10 11.34
N LEU C 158 -6.30 -2.45 12.62
CA LEU C 158 -6.51 -1.46 13.67
C LEU C 158 -5.44 -1.66 14.74
N PRO C 159 -4.36 -0.89 14.71
CA PRO C 159 -3.34 -1.03 15.77
C PRO C 159 -3.95 -0.68 17.11
N GLY C 160 -3.76 -1.58 18.07
CA GLY C 160 -4.15 -1.35 19.45
C GLY C 160 -2.88 -1.11 20.25
N MET C 161 -2.94 -0.08 21.09
CA MET C 161 -1.84 0.27 21.99
C MET C 161 -2.37 0.58 23.41
N LEU C 162 -1.46 0.45 24.37
CA LEU C 162 -1.68 0.86 25.76
C LEU C 162 -1.03 2.22 25.95
N ASP C 163 -1.84 3.23 26.22
CA ASP C 163 -1.33 4.57 26.48
C ASP C 163 -0.25 4.57 27.56
N ALA C 164 -0.59 4.05 28.74
CA ALA C 164 0.25 4.02 29.94
C ALA C 164 0.52 2.59 30.37
N PRO C 165 1.69 2.32 30.93
CA PRO C 165 2.02 0.95 31.34
C PRO C 165 1.05 0.45 32.40
N GLY C 166 0.56 -0.77 32.22
CA GLY C 166 -0.44 -1.29 33.13
C GLY C 166 -1.87 -0.91 32.80
N ASP C 167 -2.11 -0.21 31.70
CA ASP C 167 -3.47 0.09 31.28
C ASP C 167 -4.19 -1.18 30.85
N LYS C 168 -5.51 -1.11 30.82
CA LYS C 168 -6.35 -2.25 30.51
C LYS C 168 -6.99 -2.03 29.14
N SER C 169 -7.13 -3.10 28.38
CA SER C 169 -7.77 -2.93 27.08
C SER C 169 -9.23 -2.54 27.27
N ILE C 170 -9.74 -1.74 26.35
CA ILE C 170 -11.01 -1.05 26.62
C ILE C 170 -12.18 -1.76 25.94
N ILE C 171 -11.95 -2.34 24.77
CA ILE C 171 -12.95 -3.10 24.03
C ILE C 171 -12.73 -4.59 24.29
N PRO C 172 -13.75 -5.32 24.75
CA PRO C 172 -13.55 -6.73 25.14
C PRO C 172 -13.20 -7.61 23.95
N GLY C 173 -12.12 -8.38 24.09
CA GLY C 173 -11.63 -9.22 23.04
C GLY C 173 -10.51 -8.60 22.24
N LEU C 174 -10.39 -7.27 22.25
CA LEU C 174 -9.37 -6.60 21.45
C LEU C 174 -8.26 -6.05 22.34
N PHE C 175 -7.11 -5.84 21.72
CA PHE C 175 -5.97 -5.29 22.44
C PHE C 175 -6.01 -3.76 22.37
N GLY C 176 -5.85 -3.12 23.52
CA GLY C 176 -5.56 -1.70 23.55
C GLY C 176 -6.61 -0.91 24.27
N ASN C 177 -6.21 0.23 24.85
CA ASN C 177 -7.15 1.21 25.36
C ASN C 177 -7.24 2.45 24.48
N VAL C 178 -6.24 2.71 23.65
CA VAL C 178 -6.31 3.67 22.56
C VAL C 178 -5.90 2.92 21.29
N PHE C 179 -6.17 3.52 20.13
CA PHE C 179 -6.01 2.78 18.88
C PHE C 179 -5.28 3.62 17.84
N GLY C 180 -4.80 2.93 16.80
CA GLY C 180 -4.11 3.57 15.72
C GLY C 180 -5.02 3.83 14.54
N ARG C 181 -4.40 4.23 13.43
CA ARG C 181 -5.10 4.63 12.21
C ARG C 181 -5.59 3.40 11.46
N LEU C 182 -6.88 3.34 11.22
CA LEU C 182 -7.46 2.19 10.54
C LEU C 182 -6.95 2.10 9.11
N GLN C 183 -6.58 0.90 8.70
CA GLN C 183 -6.17 0.64 7.34
C GLN C 183 -7.04 -0.43 6.73
N GLN C 184 -7.39 -0.24 5.46
CA GLN C 184 -8.37 -1.04 4.78
C GLN C 184 -7.72 -1.88 3.68
N ALA C 185 -8.30 -3.03 3.40
CA ALA C 185 -8.05 -3.76 2.16
C ALA C 185 -9.40 -4.27 1.69
N SER C 186 -9.90 -3.72 0.58
CA SER C 186 -11.19 -4.14 0.03
C SER C 186 -10.99 -5.33 -0.90
N PHE C 187 -11.94 -6.27 -0.86
CA PHE C 187 -11.82 -7.46 -1.69
C PHE C 187 -13.24 -7.96 -1.94
N ARG C 188 -13.35 -8.92 -2.85
CA ARG C 188 -14.54 -9.74 -2.99
C ARG C 188 -14.22 -11.16 -2.55
N LEU C 189 -15.20 -11.84 -1.98
CA LEU C 189 -15.15 -13.25 -1.65
C LEU C 189 -16.10 -13.94 -2.61
N GLY C 190 -15.54 -14.61 -3.61
CA GLY C 190 -16.34 -15.23 -4.64
C GLY C 190 -15.48 -15.65 -5.82
N GLU C 191 -16.05 -15.58 -7.01
CA GLU C 191 -15.38 -16.02 -8.22
C GLU C 191 -14.60 -14.87 -8.83
N GLY C 192 -13.46 -15.19 -9.43
CA GLY C 192 -12.63 -14.20 -10.06
C GLY C 192 -13.22 -13.72 -11.37
N PRO C 193 -12.62 -12.70 -11.96
CA PRO C 193 -13.21 -12.07 -13.15
C PRO C 193 -13.17 -12.99 -14.34
N SER C 194 -14.28 -13.09 -15.06
CA SER C 194 -14.23 -13.66 -16.39
C SER C 194 -13.40 -12.78 -17.31
N SER C 195 -12.90 -13.37 -18.39
CA SER C 195 -12.18 -12.60 -19.39
C SER C 195 -13.10 -11.57 -20.02
N LEU C 196 -12.62 -10.32 -20.06
CA LEU C 196 -13.36 -9.26 -20.72
C LEU C 196 -13.29 -9.34 -22.25
N TYR C 197 -12.35 -10.09 -22.82
CA TYR C 197 -12.24 -10.18 -24.28
C TYR C 197 -12.74 -11.50 -24.88
#